data_2V9K
#
_entry.id   2V9K
#
_cell.length_a   80.611
_cell.length_b   80.611
_cell.length_c   153.947
_cell.angle_alpha   90.00
_cell.angle_beta   90.00
_cell.angle_gamma   120.00
#
_symmetry.space_group_name_H-M   'P 32 2 1'
#
loop_
_entity.id
_entity.type
_entity.pdbx_description
1 polymer 'UNCHARACTERIZED PROTEIN FLJ32312'
2 non-polymer 'CHLORIDE ION'
3 non-polymer 'ZINC ION'
4 non-polymer '4-(2-HYDROXYETHYL)-1-PIPERAZINE ETHANESULFONIC ACID'
5 non-polymer GLYCEROL
6 water water
#
_entity_poly.entity_id   1
_entity_poly.type   'polypeptide(L)'
_entity_poly.pdbx_seq_one_letter_code
;GMFPLTEENKHVAQLLLNTGTCPRCIFRFCGVDFHAPYKLPYKELLNELQKFLETEKDELILEVMNPPPKKIRLQELEDS
IDNLSQNGEGRISVSHVGSTASKNSNLNVCNVCLGILQEFCEKDFIKKVCQKVEASGFEFTSLVFSVSFPPQLSVREHAA
WLLVKQEMGKQSLSLGRDDIVQLKEAYKWITHPLFSEELGVPIDGKSLFEVSVVFAHPETVEDCHFLAAICPDCFKPAKN
KQSVFTRMAVMKALNKIKEEDFLKQFPCPPNSPKAVCAVLEIECAHGAVFVAGRYNKYSRNLPQTPWIIDGERKLESSVE
ELISDHLLAVFKAESFNFSSSGREDVDVRTLGNGRPFAIELVNPHRVHFTSQEIKELQQKINNSSNKIQVRDLQLVTREA
IGHMKEGEEEKTKTYSALIWTNKAIQKKDIEFLNDIKDLKIDQKTPLRVLHRRPLAVRARVIHFMETQYVDEHHFRLHLK
TQAGTYIKEFVHGDFGRTKPNIGSLMNVTADILELDVESVDVDWPPALDD
;
_entity_poly.pdbx_strand_id   A
#
loop_
_chem_comp.id
_chem_comp.type
_chem_comp.name
_chem_comp.formula
CL non-polymer 'CHLORIDE ION' 'Cl -1'
EPE non-polymer '4-(2-HYDROXYETHYL)-1-PIPERAZINE ETHANESULFONIC ACID' 'C8 H18 N2 O4 S'
GOL non-polymer GLYCEROL 'C3 H8 O3'
ZN non-polymer 'ZINC ION' 'Zn 2'
#
# COMPACT_ATOMS: atom_id res chain seq x y z
N GLY A 1 21.68 -36.06 -11.59
CA GLY A 1 21.42 -36.69 -12.93
C GLY A 1 22.70 -36.80 -13.74
N MET A 2 23.35 -35.67 -13.96
CA MET A 2 24.80 -35.62 -14.07
C MET A 2 25.25 -34.54 -13.10
N PHE A 3 26.07 -34.95 -12.14
CA PHE A 3 26.37 -34.16 -10.94
C PHE A 3 27.01 -32.79 -11.22
N PRO A 4 26.36 -31.72 -10.72
CA PRO A 4 26.73 -30.30 -10.86
C PRO A 4 28.11 -29.91 -10.36
N LEU A 5 28.68 -30.70 -9.46
CA LEU A 5 29.94 -30.34 -8.84
C LEU A 5 31.14 -30.91 -9.60
N THR A 6 32.20 -30.12 -9.67
CA THR A 6 33.41 -30.51 -10.39
C THR A 6 34.43 -31.06 -9.41
N GLU A 7 35.51 -31.63 -9.94
CA GLU A 7 36.59 -32.16 -9.09
C GLU A 7 37.15 -31.05 -8.19
N GLU A 8 37.16 -29.81 -8.70
CA GLU A 8 37.54 -28.61 -7.94
C GLU A 8 36.66 -28.36 -6.70
N ASN A 9 35.40 -28.76 -6.78
CA ASN A 9 34.46 -28.56 -5.67
C ASN A 9 34.59 -29.56 -4.53
N LYS A 10 35.33 -30.65 -4.76
CA LYS A 10 35.46 -31.77 -3.81
C LYS A 10 35.85 -31.37 -2.38
N HIS A 11 36.91 -30.59 -2.25
CA HIS A 11 37.45 -30.24 -0.94
C HIS A 11 36.43 -29.50 -0.08
N VAL A 12 35.90 -28.40 -0.60
CA VAL A 12 34.86 -27.62 0.09
C VAL A 12 33.66 -28.52 0.37
N ALA A 13 33.22 -29.26 -0.63
CA ALA A 13 32.06 -30.14 -0.53
C ALA A 13 32.23 -31.17 0.59
N GLN A 14 33.42 -31.78 0.66
CA GLN A 14 33.69 -32.80 1.67
C GLN A 14 33.72 -32.20 3.08
N LEU A 15 34.40 -31.08 3.21
CA LEU A 15 34.53 -30.41 4.50
C LEU A 15 33.17 -30.03 5.05
N LEU A 16 32.35 -29.39 4.20
CA LEU A 16 31.00 -29.00 4.57
C LEU A 16 30.15 -30.20 4.95
N LEU A 17 30.16 -31.24 4.12
CA LEU A 17 29.41 -32.45 4.44
C LEU A 17 29.83 -33.04 5.79
N ASN A 18 31.13 -33.15 5.99
CA ASN A 18 31.68 -33.74 7.21
C ASN A 18 31.22 -33.01 8.45
N THR A 19 31.01 -31.71 8.34
CA THR A 19 30.72 -30.90 9.51
C THR A 19 29.22 -30.64 9.68
N GLY A 20 28.42 -31.23 8.80
CA GLY A 20 26.95 -31.31 9.00
C GLY A 20 26.08 -30.49 8.04
N THR A 21 26.65 -29.99 6.96
CA THR A 21 25.90 -29.15 6.01
C THR A 21 25.16 -30.05 5.01
N CYS A 22 23.93 -29.66 4.60
CA CYS A 22 23.11 -30.48 3.71
C CYS A 22 23.56 -30.33 2.25
N PRO A 23 23.21 -31.27 1.35
CA PRO A 23 23.70 -31.18 -0.04
C PRO A 23 23.30 -29.91 -0.79
N ARG A 24 22.08 -29.43 -0.56
CA ARG A 24 21.62 -28.20 -1.22
C ARG A 24 22.41 -26.97 -0.78
N CYS A 25 22.70 -26.85 0.52
CA CYS A 25 23.57 -25.77 1.00
C CYS A 25 24.99 -25.92 0.47
N ILE A 26 25.42 -27.16 0.26
CA ILE A 26 26.74 -27.40 -0.35
C ILE A 26 26.77 -26.85 -1.78
N PHE A 27 25.72 -27.12 -2.55
CA PHE A 27 25.56 -26.48 -3.89
C PHE A 27 25.65 -24.95 -3.83
N ARG A 28 24.95 -24.33 -2.87
CA ARG A 28 25.00 -22.86 -2.71
C ARG A 28 26.42 -22.38 -2.49
N PHE A 29 27.16 -23.07 -1.61
CA PHE A 29 28.54 -22.69 -1.33
C PHE A 29 29.53 -23.04 -2.44
N CYS A 30 29.09 -23.88 -3.39
CA CYS A 30 29.88 -24.16 -4.59
C CYS A 30 29.40 -23.32 -5.77
N GLY A 31 28.50 -22.39 -5.46
CA GLY A 31 27.96 -21.43 -6.42
C GLY A 31 27.18 -22.04 -7.57
N VAL A 32 26.44 -23.12 -7.30
CA VAL A 32 25.63 -23.74 -8.34
C VAL A 32 24.41 -22.86 -8.60
N ASP A 33 24.36 -22.31 -9.81
CA ASP A 33 23.36 -21.33 -10.25
C ASP A 33 22.27 -21.98 -11.08
N PHE A 34 22.53 -23.21 -11.49
CA PHE A 34 21.51 -24.03 -12.15
C PHE A 34 20.43 -24.43 -11.16
N HIS A 35 19.15 -24.25 -11.55
CA HIS A 35 18.02 -24.49 -10.64
C HIS A 35 17.74 -25.98 -10.45
N ALA A 36 17.87 -26.75 -11.53
CA ALA A 36 17.40 -28.13 -11.56
C ALA A 36 18.07 -29.10 -10.57
N PRO A 37 19.41 -28.97 -10.36
CA PRO A 37 20.03 -29.86 -9.37
C PRO A 37 19.40 -29.77 -7.97
N TYR A 38 18.94 -28.58 -7.58
CA TYR A 38 18.30 -28.37 -6.28
C TYR A 38 16.94 -29.07 -6.14
N LYS A 39 16.31 -29.43 -7.26
CA LYS A 39 14.93 -29.90 -7.22
C LYS A 39 14.84 -31.41 -7.07
N LEU A 40 16.00 -32.08 -7.13
CA LEU A 40 16.07 -33.52 -7.02
C LEU A 40 15.68 -33.96 -5.62
N PRO A 41 15.16 -35.19 -5.48
CA PRO A 41 14.87 -35.72 -4.14
C PRO A 41 16.10 -35.69 -3.24
N TYR A 42 15.88 -35.35 -1.97
CA TYR A 42 16.93 -35.28 -0.96
C TYR A 42 17.80 -36.55 -0.90
N LYS A 43 17.14 -37.70 -0.99
CA LYS A 43 17.82 -38.99 -0.94
C LYS A 43 18.75 -39.18 -2.13
N GLU A 44 18.25 -38.90 -3.34
CA GLU A 44 19.06 -38.96 -4.55
C GLU A 44 20.23 -37.97 -4.51
N LEU A 45 19.98 -36.77 -3.94
CA LEU A 45 21.04 -35.77 -3.76
C LEU A 45 22.16 -36.24 -2.84
N LEU A 46 21.77 -36.76 -1.67
CA LEU A 46 22.74 -37.22 -0.70
C LEU A 46 23.54 -38.39 -1.28
N ASN A 47 22.84 -39.33 -1.91
CA ASN A 47 23.49 -40.48 -2.52
C ASN A 47 24.38 -40.16 -3.71
N GLU A 48 23.98 -39.19 -4.54
CA GLU A 48 24.82 -38.73 -5.64
C GLU A 48 26.02 -37.95 -5.12
N LEU A 49 25.80 -37.19 -4.05
CA LEU A 49 26.87 -36.44 -3.40
C LEU A 49 27.95 -37.40 -2.91
N GLN A 50 27.54 -38.43 -2.15
CA GLN A 50 28.46 -39.46 -1.62
C GLN A 50 29.27 -40.11 -2.74
N LYS A 51 28.57 -40.52 -3.80
CA LYS A 51 29.20 -41.15 -4.96
C LYS A 51 30.23 -40.24 -5.62
N PHE A 52 29.89 -38.97 -5.76
CA PHE A 52 30.78 -37.95 -6.32
C PHE A 52 32.06 -37.77 -5.49
N LEU A 53 31.90 -37.75 -4.16
CA LEU A 53 33.01 -37.45 -3.25
C LEU A 53 34.00 -38.58 -3.14
N GLU A 54 33.53 -39.81 -3.33
CA GLU A 54 34.39 -40.99 -3.27
C GLU A 54 34.94 -41.35 -4.65
N THR A 55 34.61 -40.53 -5.64
CA THR A 55 35.12 -40.69 -7.00
C THR A 55 36.14 -39.60 -7.31
N ASN A 108 19.31 -35.45 10.97
CA ASN A 108 20.58 -34.82 10.59
C ASN A 108 20.37 -33.39 10.11
N VAL A 109 20.06 -32.49 11.05
CA VAL A 109 19.64 -31.12 10.71
C VAL A 109 20.81 -30.30 10.16
N CYS A 110 20.62 -29.67 9.00
CA CYS A 110 21.69 -28.85 8.41
C CYS A 110 22.17 -27.77 9.37
N ASN A 111 23.50 -27.67 9.53
CA ASN A 111 24.09 -26.71 10.45
C ASN A 111 24.08 -25.30 9.88
N VAL A 112 23.73 -25.21 8.60
CA VAL A 112 23.66 -23.90 7.95
C VAL A 112 22.22 -23.38 7.81
N CYS A 113 21.30 -24.22 7.33
CA CYS A 113 19.95 -23.75 7.00
C CYS A 113 18.89 -24.20 8.00
N LEU A 114 19.28 -25.04 8.94
CA LEU A 114 18.41 -25.59 9.98
C LEU A 114 17.13 -26.24 9.44
N GLY A 115 17.24 -26.91 8.28
CA GLY A 115 16.11 -27.64 7.71
C GLY A 115 15.35 -26.92 6.60
N ILE A 116 15.64 -25.63 6.40
CA ILE A 116 14.99 -24.86 5.34
C ILE A 116 15.14 -25.50 3.95
N LEU A 117 16.37 -25.95 3.61
CA LEU A 117 16.57 -26.64 2.34
C LEU A 117 16.56 -28.16 2.48
N GLN A 118 16.00 -28.63 3.59
CA GLN A 118 15.72 -30.04 3.76
C GLN A 118 14.21 -30.24 3.66
N GLU A 119 13.52 -30.60 4.73
CA GLU A 119 12.06 -30.83 4.65
C GLU A 119 11.23 -29.62 4.17
N PHE A 120 11.65 -28.39 4.48
CA PHE A 120 10.80 -27.23 4.20
C PHE A 120 10.75 -26.75 2.75
N CYS A 121 11.60 -27.31 1.89
CA CYS A 121 11.56 -26.90 0.50
C CYS A 121 10.96 -27.99 -0.36
N GLU A 122 10.45 -29.04 0.30
CA GLU A 122 9.87 -30.18 -0.42
C GLU A 122 8.33 -30.17 -0.56
N LYS A 123 7.84 -31.06 -1.41
CA LYS A 123 6.46 -31.05 -1.86
C LYS A 123 5.45 -31.21 -0.73
N ASP A 124 5.72 -32.12 0.21
CA ASP A 124 4.78 -32.34 1.33
C ASP A 124 4.51 -31.10 2.19
N PHE A 125 5.56 -30.35 2.52
CA PHE A 125 5.38 -29.10 3.26
C PHE A 125 4.66 -28.03 2.44
N ILE A 126 5.04 -27.89 1.17
CA ILE A 126 4.41 -26.89 0.31
C ILE A 126 2.91 -27.21 0.17
N LYS A 127 2.59 -28.50 0.07
CA LYS A 127 1.20 -28.94 0.02
C LYS A 127 0.43 -28.48 1.26
N LYS A 128 1.05 -28.61 2.43
CA LYS A 128 0.40 -28.17 3.67
C LYS A 128 0.26 -26.64 3.77
N VAL A 129 1.19 -25.89 3.19
CA VAL A 129 1.05 -24.44 3.11
C VAL A 129 -0.13 -24.10 2.20
N CYS A 130 -0.20 -24.76 1.05
CA CYS A 130 -1.26 -24.50 0.08
C CYS A 130 -2.65 -24.89 0.59
N GLN A 131 -2.75 -25.97 1.36
CA GLN A 131 -4.04 -26.33 1.99
C GLN A 131 -4.52 -25.24 2.95
N LYS A 132 -3.58 -24.66 3.69
CA LYS A 132 -3.88 -23.52 4.58
C LYS A 132 -4.38 -22.33 3.77
N VAL A 133 -3.66 -22.01 2.69
CA VAL A 133 -4.03 -20.97 1.75
C VAL A 133 -5.41 -21.20 1.13
N GLU A 134 -5.69 -22.42 0.71
CA GLU A 134 -6.99 -22.70 0.12
C GLU A 134 -8.16 -22.51 1.12
N ALA A 135 -7.92 -22.78 2.40
CA ALA A 135 -8.97 -22.65 3.42
C ALA A 135 -9.35 -21.18 3.70
N SER A 136 -8.46 -20.25 3.35
CA SER A 136 -8.66 -18.83 3.64
C SER A 136 -9.72 -18.17 2.79
N GLY A 137 -10.02 -18.75 1.62
CA GLY A 137 -11.16 -18.29 0.82
C GLY A 137 -10.93 -17.02 0.00
N PHE A 138 -9.68 -16.74 -0.36
CA PHE A 138 -9.38 -15.61 -1.24
C PHE A 138 -9.62 -15.97 -2.70
N GLU A 139 -9.96 -14.95 -3.50
CA GLU A 139 -9.92 -15.07 -4.96
C GLU A 139 -8.58 -14.53 -5.43
N PHE A 140 -7.94 -15.24 -6.35
CA PHE A 140 -6.64 -14.83 -6.88
C PHE A 140 -6.32 -15.59 -8.17
N THR A 141 -5.51 -14.96 -9.02
CA THR A 141 -5.15 -15.49 -10.33
C THR A 141 -3.64 -15.74 -10.43
N SER A 142 -2.93 -15.40 -9.35
CA SER A 142 -1.49 -15.54 -9.26
C SER A 142 -1.11 -15.34 -7.80
N LEU A 143 0.16 -15.55 -7.47
CA LEU A 143 0.64 -15.22 -6.13
C LEU A 143 2.09 -14.71 -6.12
N VAL A 144 2.42 -13.98 -5.06
CA VAL A 144 3.81 -13.70 -4.74
C VAL A 144 4.05 -14.49 -3.47
N PHE A 145 5.24 -15.06 -3.35
CA PHE A 145 5.60 -15.82 -2.16
C PHE A 145 6.62 -15.03 -1.34
N SER A 146 6.25 -14.73 -0.09
CA SER A 146 7.15 -14.06 0.83
C SER A 146 7.56 -15.06 1.92
N VAL A 147 8.86 -15.12 2.19
CA VAL A 147 9.38 -16.02 3.22
C VAL A 147 10.37 -15.28 4.13
N SER A 148 10.30 -15.56 5.43
CA SER A 148 11.20 -14.96 6.40
C SER A 148 11.89 -16.06 7.19
N PHE A 149 13.21 -15.95 7.30
CA PHE A 149 14.04 -16.91 8.02
C PHE A 149 14.48 -16.33 9.35
N PRO A 150 14.87 -17.20 10.32
CA PRO A 150 15.31 -16.66 11.60
C PRO A 150 16.53 -15.74 11.41
N PRO A 151 16.54 -14.57 12.08
CA PRO A 151 17.62 -13.60 11.90
C PRO A 151 18.98 -14.21 12.24
N GLN A 152 18.99 -15.22 13.10
CA GLN A 152 20.21 -15.89 13.51
C GLN A 152 20.81 -16.81 12.44
N LEU A 153 20.05 -17.10 11.37
CA LEU A 153 20.59 -17.84 10.22
C LEU A 153 21.81 -17.19 9.57
N SER A 154 21.79 -15.86 9.46
CA SER A 154 22.90 -15.12 8.89
C SER A 154 24.23 -15.33 9.61
N VAL A 155 24.16 -15.58 10.92
CA VAL A 155 25.36 -15.86 11.71
C VAL A 155 25.99 -17.19 11.28
N ARG A 156 25.15 -18.20 11.06
CA ARG A 156 25.61 -19.54 10.63
C ARG A 156 26.14 -19.49 9.22
N GLU A 157 25.43 -18.79 8.34
CA GLU A 157 25.87 -18.53 6.98
C GLU A 157 27.24 -17.88 6.98
N HIS A 158 27.44 -16.90 7.86
CA HIS A 158 28.71 -16.20 7.95
C HIS A 158 29.83 -17.13 8.39
N ALA A 159 29.55 -17.98 9.39
CA ALA A 159 30.54 -18.95 9.88
C ALA A 159 30.93 -19.95 8.79
N ALA A 160 29.95 -20.40 8.00
CA ALA A 160 30.20 -21.34 6.90
C ALA A 160 31.03 -20.68 5.81
N TRP A 161 30.71 -19.42 5.52
CA TRP A 161 31.48 -18.61 4.60
C TRP A 161 32.96 -18.55 5.01
N LEU A 162 33.21 -18.20 6.28
CA LEU A 162 34.59 -18.09 6.78
C LEU A 162 35.34 -19.41 6.64
N LEU A 163 34.62 -20.51 6.90
CA LEU A 163 35.16 -21.86 6.78
C LEU A 163 35.53 -22.17 5.32
N VAL A 164 34.57 -21.96 4.42
CA VAL A 164 34.77 -22.15 2.98
C VAL A 164 35.88 -21.23 2.44
N LYS A 165 35.88 -19.95 2.84
CA LYS A 165 36.92 -19.01 2.46
C LYS A 165 38.33 -19.47 2.89
N GLN A 166 38.43 -20.00 4.11
CA GLN A 166 39.67 -20.57 4.65
C GLN A 166 40.15 -21.81 3.87
N GLU A 167 39.22 -22.71 3.54
CA GLU A 167 39.54 -23.91 2.76
C GLU A 167 39.97 -23.54 1.33
N MET A 168 39.27 -22.57 0.75
CA MET A 168 39.59 -22.06 -0.58
C MET A 168 41.02 -21.50 -0.64
N GLY A 169 41.43 -20.86 0.46
CA GLY A 169 42.79 -20.32 0.61
C GLY A 169 43.90 -21.38 0.66
N LYS A 170 43.57 -22.53 1.26
CA LYS A 170 44.46 -23.71 1.25
C LYS A 170 44.83 -24.14 -0.18
N GLN A 171 43.82 -24.16 -1.05
CA GLN A 171 43.97 -24.56 -2.46
C GLN A 171 44.38 -23.38 -3.36
N SER A 172 44.74 -22.25 -2.73
CA SER A 172 45.09 -20.99 -3.42
C SER A 172 44.01 -20.46 -4.38
N LEU A 173 42.77 -20.84 -4.12
CA LEU A 173 41.63 -20.38 -4.91
C LEU A 173 40.95 -19.19 -4.24
N SER A 174 40.33 -18.35 -5.06
CA SER A 174 39.62 -17.17 -4.57
C SER A 174 38.11 -17.39 -4.57
N LEU A 175 37.47 -17.01 -3.47
CA LEU A 175 36.03 -17.05 -3.38
C LEU A 175 35.51 -15.71 -2.87
N GLY A 176 34.47 -15.21 -3.54
CA GLY A 176 33.80 -13.98 -3.12
C GLY A 176 32.54 -14.31 -2.34
N ARG A 177 32.21 -13.46 -1.38
CA ARG A 177 30.99 -13.63 -0.59
C ARG A 177 29.72 -13.63 -1.46
N ASP A 178 29.75 -12.85 -2.54
CA ASP A 178 28.66 -12.79 -3.53
C ASP A 178 28.57 -14.01 -4.45
N ASP A 179 29.56 -14.90 -4.37
CA ASP A 179 29.59 -16.14 -5.16
C ASP A 179 28.70 -17.23 -4.55
N ILE A 180 28.29 -17.02 -3.29
CA ILE A 180 27.45 -17.96 -2.57
C ILE A 180 26.01 -17.71 -2.98
N VAL A 181 25.30 -18.75 -3.39
CA VAL A 181 23.87 -18.60 -3.72
C VAL A 181 23.13 -18.33 -2.42
N GLN A 182 22.31 -17.30 -2.39
CA GLN A 182 21.57 -16.94 -1.18
C GLN A 182 20.56 -18.03 -0.82
N LEU A 183 20.36 -18.25 0.47
CA LEU A 183 19.43 -19.26 0.93
C LEU A 183 18.04 -19.01 0.34
N LYS A 184 17.55 -17.77 0.48
CA LYS A 184 16.22 -17.43 0.00
C LYS A 184 16.08 -17.61 -1.51
N GLU A 185 17.12 -17.26 -2.27
CA GLU A 185 17.11 -17.45 -3.71
C GLU A 185 16.91 -18.92 -4.11
N ALA A 186 17.77 -19.81 -3.62
CA ALA A 186 17.62 -21.26 -3.85
C ALA A 186 16.29 -21.80 -3.33
N TYR A 187 15.88 -21.31 -2.17
CA TYR A 187 14.61 -21.75 -1.59
C TYR A 187 13.45 -21.50 -2.56
N LYS A 188 13.41 -20.31 -3.15
CA LYS A 188 12.33 -19.95 -4.08
C LYS A 188 12.44 -20.69 -5.42
N TRP A 189 13.66 -20.91 -5.90
CA TRP A 189 13.87 -21.74 -7.09
C TRP A 189 13.16 -23.09 -6.92
N ILE A 190 13.28 -23.68 -5.73
CA ILE A 190 12.72 -25.02 -5.51
C ILE A 190 11.20 -24.97 -5.29
N THR A 191 10.78 -24.01 -4.48
CA THR A 191 9.40 -23.97 -4.02
C THR A 191 8.43 -23.28 -4.97
N HIS A 192 8.91 -22.27 -5.72
CA HIS A 192 8.03 -21.56 -6.67
C HIS A 192 7.20 -22.48 -7.58
N PRO A 193 7.85 -23.43 -8.30
CA PRO A 193 7.08 -24.37 -9.13
C PRO A 193 6.13 -25.28 -8.35
N LEU A 194 6.48 -25.60 -7.12
CA LEU A 194 5.63 -26.43 -6.27
C LEU A 194 4.35 -25.72 -5.86
N PHE A 195 4.47 -24.44 -5.51
CA PHE A 195 3.29 -23.59 -5.23
C PHE A 195 2.41 -23.46 -6.45
N SER A 196 3.08 -23.29 -7.58
CA SER A 196 2.40 -23.10 -8.85
C SER A 196 1.62 -24.35 -9.28
N GLU A 197 2.22 -25.53 -9.13
CA GLU A 197 1.48 -26.75 -9.44
C GLU A 197 0.35 -27.01 -8.43
N GLU A 198 0.60 -26.75 -7.14
CA GLU A 198 -0.43 -27.01 -6.12
C GLU A 198 -1.64 -26.06 -6.17
N LEU A 199 -1.38 -24.77 -6.42
CA LEU A 199 -2.45 -23.78 -6.41
C LEU A 199 -3.04 -23.54 -7.80
N GLY A 200 -2.32 -23.98 -8.83
CA GLY A 200 -2.80 -23.85 -10.20
C GLY A 200 -2.74 -22.43 -10.71
N VAL A 201 -1.87 -21.61 -10.13
CA VAL A 201 -1.72 -20.24 -10.60
C VAL A 201 -0.23 -19.95 -10.77
N PRO A 202 0.12 -19.00 -11.68
CA PRO A 202 1.52 -18.62 -11.83
C PRO A 202 2.05 -17.82 -10.65
N ILE A 203 3.36 -17.87 -10.45
CA ILE A 203 4.07 -16.95 -9.56
C ILE A 203 4.22 -15.63 -10.30
N ASP A 204 3.86 -14.53 -9.66
CA ASP A 204 3.99 -13.21 -10.27
C ASP A 204 4.48 -12.26 -9.19
N GLY A 205 5.68 -11.72 -9.38
CA GLY A 205 6.26 -10.79 -8.40
C GLY A 205 5.41 -9.56 -8.12
N LYS A 206 4.55 -9.20 -9.07
CA LYS A 206 3.66 -8.05 -8.89
C LYS A 206 2.23 -8.44 -8.48
N SER A 207 2.03 -9.71 -8.13
CA SER A 207 0.73 -10.18 -7.69
C SER A 207 0.24 -9.42 -6.46
N LEU A 208 -1.07 -9.18 -6.39
CA LEU A 208 -1.65 -8.57 -5.20
C LEU A 208 -1.98 -9.63 -4.16
N PHE A 209 -1.83 -10.90 -4.53
CA PHE A 209 -2.06 -11.97 -3.59
C PHE A 209 -0.74 -12.54 -3.05
N GLU A 210 -0.54 -12.39 -1.74
CA GLU A 210 0.72 -12.79 -1.13
C GLU A 210 0.51 -13.95 -0.16
N VAL A 211 1.32 -14.99 -0.31
CA VAL A 211 1.41 -16.09 0.68
C VAL A 211 2.72 -15.89 1.44
N SER A 212 2.66 -15.86 2.75
CA SER A 212 3.87 -15.65 3.53
C SER A 212 4.11 -16.75 4.55
N VAL A 213 5.36 -17.15 4.67
CA VAL A 213 5.76 -18.15 5.65
C VAL A 213 6.84 -17.52 6.53
N VAL A 214 6.69 -17.63 7.85
CA VAL A 214 7.73 -17.18 8.76
C VAL A 214 8.31 -18.38 9.51
N PHE A 215 9.62 -18.55 9.45
CA PHE A 215 10.30 -19.60 10.21
C PHE A 215 10.93 -19.03 11.48
N ALA A 216 11.02 -19.85 12.52
CA ALA A 216 11.70 -19.49 13.75
C ALA A 216 12.56 -20.64 14.24
N HIS A 217 13.54 -20.33 15.08
CA HIS A 217 14.35 -21.36 15.73
C HIS A 217 14.69 -20.86 17.14
N PRO A 218 13.77 -21.08 18.10
CA PRO A 218 13.92 -20.58 19.47
C PRO A 218 15.24 -20.96 20.13
N GLU A 219 15.70 -22.19 19.87
CA GLU A 219 16.96 -22.73 20.41
C GLU A 219 18.16 -21.79 20.21
N THR A 220 18.20 -21.08 19.06
CA THR A 220 19.36 -20.26 18.68
C THR A 220 19.12 -18.74 18.69
N VAL A 221 18.04 -18.30 19.31
CA VAL A 221 17.64 -16.89 19.34
C VAL A 221 18.65 -15.94 20.00
N GLU A 222 19.37 -16.44 21.02
CA GLU A 222 20.37 -15.64 21.75
C GLU A 222 21.56 -15.16 20.90
N ASP A 223 21.77 -15.77 19.73
CA ASP A 223 22.79 -15.31 18.77
C ASP A 223 22.61 -13.83 18.35
N CYS A 224 21.35 -13.42 18.16
CA CYS A 224 21.01 -12.02 17.92
C CYS A 224 21.49 -11.11 19.07
N HIS A 225 21.29 -11.58 20.31
CA HIS A 225 21.73 -10.86 21.50
C HIS A 225 23.26 -10.85 21.62
N PHE A 226 23.89 -11.97 21.27
CA PHE A 226 25.34 -12.11 21.30
C PHE A 226 26.07 -11.14 20.36
N LEU A 227 25.38 -10.76 19.27
CA LEU A 227 25.94 -9.89 18.25
C LEU A 227 25.83 -8.42 18.64
N ALA A 228 24.81 -8.08 19.42
CA ALA A 228 24.61 -6.73 19.94
C ALA A 228 25.61 -6.38 21.04
N ALA A 229 26.26 -7.41 21.59
CA ALA A 229 27.30 -7.25 22.60
C ALA A 229 28.69 -7.09 21.98
N ILE A 230 28.73 -6.85 20.66
CA ILE A 230 29.99 -6.63 19.95
C ILE A 230 29.95 -5.29 19.21
N CYS A 231 28.81 -4.97 18.60
CA CYS A 231 28.59 -3.69 17.94
C CYS A 231 27.18 -3.13 18.22
N PRO A 232 27.02 -2.49 19.40
CA PRO A 232 25.71 -2.06 19.94
C PRO A 232 24.97 -1.01 19.10
N ASP A 233 25.69 -0.33 18.21
CA ASP A 233 25.09 0.71 17.37
C ASP A 233 24.44 0.13 16.11
N CYS A 234 24.28 -1.19 16.08
CA CYS A 234 23.57 -1.87 15.00
C CYS A 234 22.17 -2.32 15.42
N PHE A 245 16.87 -9.01 16.45
CA PHE A 245 17.09 -8.02 15.39
C PHE A 245 16.05 -8.17 14.28
N THR A 246 16.21 -7.38 13.23
CA THR A 246 15.85 -7.80 11.87
C THR A 246 16.99 -8.62 11.25
N ARG A 247 16.63 -9.41 10.24
CA ARG A 247 17.58 -10.12 9.41
C ARG A 247 18.58 -9.12 8.83
N MET A 248 18.08 -7.94 8.47
CA MET A 248 18.90 -6.91 7.84
C MET A 248 19.89 -6.24 8.79
N ALA A 249 19.50 -6.04 10.04
CA ALA A 249 20.38 -5.44 11.05
C ALA A 249 21.47 -6.39 11.52
N VAL A 250 21.17 -7.69 11.47
CA VAL A 250 22.14 -8.75 11.74
C VAL A 250 23.15 -8.78 10.59
N MET A 251 22.62 -8.72 9.37
CA MET A 251 23.42 -8.62 8.14
C MET A 251 24.39 -7.44 8.20
N LYS A 252 23.88 -6.28 8.64
CA LYS A 252 24.69 -5.08 8.75
C LYS A 252 25.81 -5.25 9.76
N ALA A 253 25.48 -5.87 10.90
CA ALA A 253 26.42 -6.10 11.99
C ALA A 253 27.57 -7.03 11.59
N LEU A 254 27.21 -8.08 10.86
CA LEU A 254 28.16 -9.10 10.41
C LEU A 254 29.13 -8.56 9.35
N ASN A 255 28.69 -7.53 8.64
CA ASN A 255 29.51 -6.84 7.67
C ASN A 255 30.65 -6.06 8.33
N LYS A 256 30.40 -5.55 9.53
CA LYS A 256 31.32 -4.64 10.21
C LYS A 256 32.17 -5.29 11.29
N ILE A 257 31.77 -6.50 11.71
CA ILE A 257 32.45 -7.23 12.78
C ILE A 257 33.84 -7.71 12.37
N LYS A 258 34.83 -7.47 13.23
CA LYS A 258 36.16 -8.03 13.04
C LYS A 258 36.05 -9.55 13.08
N GLU A 259 36.72 -10.20 12.13
CA GLU A 259 36.73 -11.65 12.02
C GLU A 259 37.10 -12.38 13.32
N GLU A 260 38.15 -11.92 13.99
CA GLU A 260 38.60 -12.51 15.26
C GLU A 260 37.55 -12.37 16.36
N ASP A 261 36.83 -11.24 16.36
CA ASP A 261 35.71 -11.01 17.26
C ASP A 261 34.53 -11.93 16.94
N PHE A 262 34.25 -12.16 15.65
CA PHE A 262 33.21 -13.13 15.26
C PHE A 262 33.59 -14.52 15.75
N LEU A 263 34.83 -14.92 15.49
CA LEU A 263 35.30 -16.27 15.81
C LEU A 263 35.39 -16.52 17.32
N LYS A 264 35.63 -15.46 18.09
CA LYS A 264 35.62 -15.56 19.55
C LYS A 264 34.22 -15.94 20.07
N GLN A 265 33.19 -15.34 19.47
CA GLN A 265 31.80 -15.53 19.94
C GLN A 265 31.11 -16.76 19.35
N PHE A 266 31.33 -16.98 18.06
CA PHE A 266 30.50 -17.95 17.32
C PHE A 266 31.31 -19.11 16.76
N PRO A 267 30.77 -20.35 16.86
CA PRO A 267 31.42 -21.56 16.38
C PRO A 267 31.68 -21.54 14.89
N CYS A 268 32.85 -22.03 14.50
CA CYS A 268 33.20 -22.16 13.11
C CYS A 268 33.88 -23.44 12.56
N PRO A 269 33.10 -24.51 12.42
CA PRO A 269 31.95 -24.41 11.54
C PRO A 269 30.77 -24.27 12.53
N PRO A 270 29.58 -23.83 12.05
CA PRO A 270 28.42 -23.81 12.93
C PRO A 270 28.08 -25.23 13.32
N ASN A 271 27.58 -25.41 14.52
CA ASN A 271 27.26 -26.75 15.01
C ASN A 271 25.85 -27.14 14.58
N SER A 272 25.65 -28.43 14.31
CA SER A 272 24.34 -28.97 13.98
C SER A 272 23.43 -28.93 15.21
N PRO A 273 22.22 -28.36 15.06
CA PRO A 273 21.31 -28.23 16.20
C PRO A 273 20.50 -29.51 16.40
N LYS A 274 19.71 -29.54 17.48
CA LYS A 274 18.88 -30.69 17.81
C LYS A 274 17.64 -30.78 16.91
N ALA A 275 17.10 -29.62 16.53
CA ALA A 275 15.85 -29.60 15.78
C ALA A 275 15.90 -28.65 14.59
N VAL A 276 15.01 -28.89 13.63
CA VAL A 276 14.79 -27.97 12.52
C VAL A 276 14.04 -26.74 13.00
N CYS A 277 13.96 -25.75 12.13
CA CYS A 277 13.15 -24.56 12.33
C CYS A 277 11.70 -24.91 12.63
N ALA A 278 11.06 -24.09 13.46
CA ALA A 278 9.62 -24.13 13.62
C ALA A 278 9.01 -23.22 12.56
N VAL A 279 7.83 -23.59 12.05
CA VAL A 279 7.02 -22.69 11.25
C VAL A 279 6.26 -21.81 12.22
N LEU A 280 6.53 -20.51 12.19
CA LEU A 280 5.91 -19.58 13.14
C LEU A 280 4.52 -19.16 12.65
N GLU A 281 4.44 -18.89 11.35
CA GLU A 281 3.25 -18.32 10.71
C GLU A 281 3.17 -18.82 9.28
N ILE A 282 1.96 -19.11 8.85
CA ILE A 282 1.64 -19.28 7.44
C ILE A 282 0.45 -18.37 7.24
N GLU A 283 0.59 -17.38 6.39
CA GLU A 283 -0.46 -16.38 6.26
C GLU A 283 -0.68 -16.04 4.79
N CYS A 284 -1.88 -15.59 4.47
CA CYS A 284 -2.08 -14.97 3.17
C CYS A 284 -2.98 -13.74 3.25
N ALA A 285 -2.81 -12.85 2.27
CA ALA A 285 -3.52 -11.58 2.25
C ALA A 285 -3.60 -11.12 0.80
N HIS A 286 -4.65 -10.38 0.48
CA HIS A 286 -4.82 -9.76 -0.83
C HIS A 286 -4.61 -8.27 -0.69
N GLY A 287 -3.82 -7.68 -1.60
CA GLY A 287 -3.67 -6.22 -1.69
C GLY A 287 -5.00 -5.53 -1.88
N ALA A 288 -5.07 -4.26 -1.51
CA ALA A 288 -6.32 -3.49 -1.58
C ALA A 288 -6.83 -3.38 -3.00
N VAL A 289 -8.15 -3.41 -3.15
CA VAL A 289 -8.74 -3.04 -4.44
C VAL A 289 -9.50 -1.72 -4.22
N PHE A 290 -9.80 -1.03 -5.32
CA PHE A 290 -10.37 0.30 -5.28
C PHE A 290 -11.64 0.34 -6.12
N VAL A 291 -12.65 1.02 -5.61
CA VAL A 291 -13.83 1.36 -6.40
C VAL A 291 -13.86 2.89 -6.44
N ALA A 292 -14.13 3.45 -7.61
CA ALA A 292 -14.20 4.90 -7.74
C ALA A 292 -15.49 5.28 -8.43
N GLY A 293 -15.87 6.55 -8.27
CA GLY A 293 -17.08 7.07 -8.90
C GLY A 293 -17.15 8.57 -8.68
N ARG A 294 -18.34 9.13 -8.82
CA ARG A 294 -18.61 10.51 -8.40
C ARG A 294 -19.80 10.49 -7.48
N TYR A 295 -19.79 11.36 -6.47
CA TYR A 295 -20.98 11.46 -5.64
C TYR A 295 -21.68 12.80 -5.78
N ASN A 296 -23.01 12.75 -5.74
CA ASN A 296 -23.82 13.93 -5.50
C ASN A 296 -24.26 13.94 -4.04
N LYS A 297 -24.47 15.15 -3.53
CA LYS A 297 -24.84 15.34 -2.14
C LYS A 297 -25.99 16.33 -2.12
N TYR A 298 -27.13 15.90 -1.56
CA TYR A 298 -28.33 16.71 -1.59
C TYR A 298 -28.72 17.25 -0.22
N SER A 299 -28.08 16.72 0.83
CA SER A 299 -28.31 17.17 2.19
C SER A 299 -27.45 18.39 2.51
N ARG A 300 -27.99 19.30 3.34
CA ARG A 300 -27.23 20.42 3.89
C ARG A 300 -26.93 20.18 5.38
N ASN A 301 -27.08 18.93 5.80
CA ASN A 301 -26.89 18.55 7.20
C ASN A 301 -26.09 17.25 7.30
N LEU A 302 -25.13 17.07 6.38
CA LEU A 302 -24.38 15.83 6.28
C LEU A 302 -22.90 16.12 6.03
N PRO A 303 -22.01 15.65 6.93
CA PRO A 303 -20.57 15.89 6.70
C PRO A 303 -19.99 14.92 5.66
N GLN A 304 -18.84 15.23 5.08
CA GLN A 304 -18.28 14.33 4.07
C GLN A 304 -17.75 13.06 4.72
N THR A 305 -17.17 13.20 5.90
CA THR A 305 -16.61 12.09 6.66
C THR A 305 -17.16 12.15 8.09
N PRO A 306 -17.10 11.04 8.86
CA PRO A 306 -17.68 11.04 10.21
C PRO A 306 -17.21 12.22 11.06
N TRP A 307 -18.17 12.94 11.63
CA TRP A 307 -17.87 14.08 12.50
C TRP A 307 -18.16 13.66 13.94
N ILE A 308 -17.10 13.20 14.62
CA ILE A 308 -17.18 12.65 15.97
C ILE A 308 -16.33 13.50 16.89
N ILE A 309 -16.95 13.99 17.96
CA ILE A 309 -16.33 14.99 18.86
C ILE A 309 -15.66 14.42 20.13
N ASP A 310 -16.31 13.45 20.78
CA ASP A 310 -15.78 12.90 22.04
C ASP A 310 -16.11 11.41 22.18
N GLY A 311 -16.21 10.72 21.04
CA GLY A 311 -16.93 9.46 20.98
C GLY A 311 -18.39 9.77 20.70
N GLU A 312 -18.74 11.05 20.78
CA GLU A 312 -20.06 11.52 20.41
C GLU A 312 -20.09 12.02 18.97
N ARG A 313 -21.12 11.59 18.24
CA ARG A 313 -21.37 12.07 16.88
C ARG A 313 -21.90 13.50 16.93
N LYS A 314 -21.27 14.40 16.19
CA LYS A 314 -21.75 15.78 16.10
C LYS A 314 -22.91 15.86 15.11
N LEU A 315 -22.80 15.09 14.03
CA LEU A 315 -23.90 14.84 13.09
C LEU A 315 -23.99 13.36 12.82
N GLU A 316 -25.14 12.90 12.32
CA GLU A 316 -25.36 11.49 11.99
C GLU A 316 -24.82 11.16 10.60
N SER A 317 -24.08 10.06 10.51
CA SER A 317 -23.60 9.50 9.23
C SER A 317 -22.66 10.45 8.49
N SER A 318 -22.39 10.15 7.22
CA SER A 318 -21.53 11.00 6.39
C SER A 318 -21.65 10.54 4.95
N VAL A 319 -21.18 11.36 4.02
CA VAL A 319 -21.09 10.94 2.62
C VAL A 319 -20.33 9.63 2.55
N GLU A 320 -19.17 9.59 3.20
CA GLU A 320 -18.31 8.41 3.25
C GLU A 320 -19.05 7.13 3.64
N GLU A 321 -19.77 7.19 4.77
CA GLU A 321 -20.48 6.00 5.27
C GLU A 321 -21.67 5.61 4.40
N LEU A 322 -22.39 6.59 3.85
CA LEU A 322 -23.54 6.28 2.99
C LEU A 322 -23.12 5.55 1.72
N ILE A 323 -21.94 5.89 1.20
CA ILE A 323 -21.39 5.16 0.07
C ILE A 323 -20.80 3.81 0.50
N SER A 324 -19.98 3.80 1.55
CA SER A 324 -19.08 2.67 1.80
C SER A 324 -19.66 1.53 2.63
N ASP A 325 -20.72 1.80 3.41
CA ASP A 325 -21.24 0.81 4.34
C ASP A 325 -22.01 -0.34 3.68
N HIS A 326 -22.00 -0.37 2.35
CA HIS A 326 -22.54 -1.44 1.55
C HIS A 326 -21.40 -2.35 1.05
N LEU A 327 -20.22 -1.77 0.95
CA LEU A 327 -19.12 -2.35 0.20
C LEU A 327 -18.32 -3.47 0.89
N LEU A 328 -18.25 -3.45 2.22
CA LEU A 328 -17.39 -4.41 2.93
C LEU A 328 -17.94 -5.81 2.87
N ALA A 329 -19.27 -5.91 2.89
CA ALA A 329 -19.91 -7.22 2.77
C ALA A 329 -19.74 -7.75 1.36
N VAL A 330 -19.67 -6.85 0.39
CA VAL A 330 -19.62 -7.24 -1.03
C VAL A 330 -18.22 -7.78 -1.37
N PHE A 331 -17.21 -7.00 -0.99
CA PHE A 331 -15.83 -7.33 -1.29
C PHE A 331 -15.20 -8.28 -0.28
N LYS A 332 -15.97 -8.63 0.76
CA LYS A 332 -15.50 -9.41 1.91
C LYS A 332 -14.17 -8.82 2.43
N ALA A 333 -14.20 -7.53 2.69
CA ALA A 333 -13.01 -6.79 3.11
C ALA A 333 -13.10 -6.39 4.57
N GLU A 334 -11.95 -6.23 5.19
CA GLU A 334 -11.93 -6.01 6.63
C GLU A 334 -12.09 -4.54 7.02
N SER A 335 -11.80 -3.63 6.11
CA SER A 335 -11.90 -2.18 6.33
C SER A 335 -11.77 -1.45 5.00
N PHE A 336 -12.02 -0.13 5.04
CA PHE A 336 -11.98 0.70 3.84
C PHE A 336 -11.37 2.05 4.20
N ASN A 337 -10.79 2.72 3.22
CA ASN A 337 -10.31 4.08 3.34
C ASN A 337 -10.98 4.86 2.24
N PHE A 338 -11.70 5.91 2.62
CA PHE A 338 -12.42 6.76 1.67
C PHE A 338 -11.55 7.96 1.37
N SER A 339 -11.46 8.31 0.09
CA SER A 339 -10.66 9.44 -0.40
C SER A 339 -11.48 10.16 -1.47
N SER A 340 -11.27 11.45 -1.64
CA SER A 340 -11.98 12.22 -2.67
C SER A 340 -11.14 13.36 -3.21
N SER A 341 -11.55 13.90 -4.35
CA SER A 341 -10.87 15.04 -4.93
C SER A 341 -11.53 16.30 -4.37
N GLY A 342 -11.04 16.73 -3.20
CA GLY A 342 -11.61 17.88 -2.50
C GLY A 342 -12.70 17.46 -1.56
N ARG A 343 -13.44 18.44 -1.05
CA ARG A 343 -14.43 18.25 0.00
C ARG A 343 -15.32 19.48 -0.02
N GLU A 344 -16.55 19.35 0.47
CA GLU A 344 -17.38 20.50 0.74
C GLU A 344 -17.88 20.49 2.18
N ASP A 345 -18.27 21.67 2.69
CA ASP A 345 -18.75 21.82 4.07
C ASP A 345 -20.08 21.09 4.28
N VAL A 346 -20.48 20.91 5.53
CA VAL A 346 -21.69 20.14 5.80
C VAL A 346 -22.94 20.76 5.15
N ASP A 347 -23.00 22.08 5.06
CA ASP A 347 -24.21 22.74 4.52
C ASP A 347 -24.18 22.98 3.00
N VAL A 348 -23.19 22.39 2.33
CA VAL A 348 -23.00 22.58 0.89
C VAL A 348 -23.41 21.33 0.12
N ARG A 349 -24.27 21.50 -0.88
CA ARG A 349 -24.65 20.40 -1.77
C ARG A 349 -23.62 20.26 -2.89
N THR A 350 -23.54 19.07 -3.46
CA THR A 350 -22.74 18.89 -4.67
C THR A 350 -23.60 18.31 -5.78
N LEU A 351 -23.78 19.11 -6.82
CA LEU A 351 -24.77 18.84 -7.85
C LEU A 351 -24.06 18.51 -9.16
N GLY A 352 -24.78 18.59 -10.27
CA GLY A 352 -24.22 18.22 -11.59
C GLY A 352 -23.66 16.81 -11.62
N ASN A 353 -22.47 16.64 -12.19
CA ASN A 353 -21.82 15.33 -12.30
C ASN A 353 -21.30 14.80 -10.95
N GLY A 354 -21.20 15.68 -9.95
CA GLY A 354 -20.70 15.29 -8.63
C GLY A 354 -19.19 15.31 -8.49
N ARG A 355 -18.72 14.87 -7.33
CA ARG A 355 -17.30 14.92 -6.96
C ARG A 355 -16.65 13.54 -7.03
N PRO A 356 -15.46 13.44 -7.68
CA PRO A 356 -14.76 12.15 -7.71
C PRO A 356 -14.42 11.65 -6.31
N PHE A 357 -14.54 10.33 -6.13
CA PHE A 357 -14.14 9.71 -4.88
C PHE A 357 -13.56 8.32 -5.18
N ALA A 358 -12.78 7.79 -4.23
CA ALA A 358 -12.34 6.40 -4.30
C ALA A 358 -12.43 5.75 -2.92
N ILE A 359 -12.68 4.45 -2.92
CA ILE A 359 -12.71 3.68 -1.68
C ILE A 359 -11.73 2.54 -1.83
N GLU A 360 -10.75 2.53 -0.95
CA GLU A 360 -9.80 1.45 -0.91
C GLU A 360 -10.34 0.38 0.03
N LEU A 361 -10.45 -0.84 -0.48
CA LEU A 361 -10.95 -1.97 0.32
C LEU A 361 -9.81 -2.86 0.70
N VAL A 362 -9.62 -3.02 2.00
CA VAL A 362 -8.44 -3.66 2.58
C VAL A 362 -8.66 -5.15 2.76
N ASN A 363 -7.67 -5.93 2.32
CA ASN A 363 -7.71 -7.39 2.41
C ASN A 363 -8.99 -8.01 1.86
N PRO A 364 -9.40 -7.65 0.61
CA PRO A 364 -10.66 -8.20 0.08
C PRO A 364 -10.56 -9.70 -0.22
N HIS A 365 -11.55 -10.46 0.21
CA HIS A 365 -11.62 -11.90 -0.09
C HIS A 365 -12.42 -12.16 -1.36
N ARG A 366 -13.06 -11.13 -1.90
CA ARG A 366 -13.71 -11.22 -3.21
C ARG A 366 -13.32 -10.01 -4.07
N VAL A 367 -12.76 -10.27 -5.25
CA VAL A 367 -12.26 -9.19 -6.11
C VAL A 367 -12.75 -9.24 -7.56
N HIS A 368 -13.34 -10.36 -7.94
CA HIS A 368 -13.82 -10.53 -9.32
C HIS A 368 -15.28 -10.08 -9.44
N PHE A 369 -15.49 -8.98 -10.16
CA PHE A 369 -16.81 -8.40 -10.38
C PHE A 369 -16.91 -7.94 -11.83
N THR A 370 -17.99 -8.32 -12.51
CA THR A 370 -18.28 -7.79 -13.84
C THR A 370 -18.78 -6.35 -13.75
N SER A 371 -18.78 -5.65 -14.89
CA SER A 371 -19.37 -4.31 -14.99
C SER A 371 -20.81 -4.28 -14.48
N GLN A 372 -21.58 -5.29 -14.84
CA GLN A 372 -22.99 -5.38 -14.44
C GLN A 372 -23.13 -5.50 -12.93
N GLU A 373 -22.27 -6.29 -12.30
CA GLU A 373 -22.31 -6.44 -10.84
C GLU A 373 -21.92 -5.14 -10.11
N ILE A 374 -21.00 -4.37 -10.69
CA ILE A 374 -20.66 -3.06 -10.13
C ILE A 374 -21.83 -2.07 -10.31
N LYS A 375 -22.43 -2.07 -11.48
CA LYS A 375 -23.64 -1.26 -11.74
C LYS A 375 -24.73 -1.54 -10.70
N GLU A 376 -24.93 -2.82 -10.40
CA GLU A 376 -25.90 -3.25 -9.40
C GLU A 376 -25.55 -2.75 -8.01
N LEU A 377 -24.26 -2.70 -7.73
CA LEU A 377 -23.77 -2.15 -6.49
C LEU A 377 -24.13 -0.67 -6.37
N GLN A 378 -23.93 0.07 -7.45
CA GLN A 378 -24.25 1.47 -7.48
C GLN A 378 -25.76 1.68 -7.26
N GLN A 379 -26.59 0.82 -7.84
CA GLN A 379 -28.04 0.95 -7.67
C GLN A 379 -28.42 0.68 -6.20
N LYS A 380 -27.73 -0.27 -5.58
CA LYS A 380 -27.94 -0.57 -4.17
C LYS A 380 -27.65 0.64 -3.29
N ILE A 381 -26.51 1.30 -3.55
CA ILE A 381 -26.15 2.51 -2.81
C ILE A 381 -27.23 3.59 -3.02
N ASN A 382 -27.59 3.79 -4.29
CA ASN A 382 -28.57 4.81 -4.66
C ASN A 382 -29.97 4.59 -4.10
N ASN A 383 -30.37 3.32 -4.00
CA ASN A 383 -31.67 2.96 -3.46
C ASN A 383 -31.73 3.12 -1.93
N SER A 384 -30.58 3.36 -1.30
CA SER A 384 -30.46 3.32 0.15
C SER A 384 -30.49 4.70 0.77
N SER A 385 -30.37 5.75 -0.04
CA SER A 385 -30.32 7.11 0.50
C SER A 385 -30.87 8.16 -0.48
N ASN A 386 -31.50 9.20 0.06
CA ASN A 386 -31.78 10.40 -0.73
C ASN A 386 -30.74 11.49 -0.48
N LYS A 387 -29.87 11.29 0.50
CA LYS A 387 -28.93 12.35 0.92
C LYS A 387 -27.75 12.43 -0.04
N ILE A 388 -27.38 11.28 -0.59
CA ILE A 388 -26.34 11.21 -1.61
C ILE A 388 -26.82 10.34 -2.77
N GLN A 389 -26.17 10.51 -3.91
CA GLN A 389 -26.22 9.54 -5.01
C GLN A 389 -24.81 9.35 -5.58
N VAL A 390 -24.58 8.18 -6.18
CA VAL A 390 -23.31 7.83 -6.77
C VAL A 390 -23.50 7.57 -8.27
N ARG A 391 -22.55 8.00 -9.08
CA ARG A 391 -22.54 7.64 -10.50
C ARG A 391 -21.14 7.22 -10.86
N ASP A 392 -21.00 6.61 -12.05
CA ASP A 392 -19.69 6.26 -12.62
C ASP A 392 -18.92 5.21 -11.80
N LEU A 393 -19.64 4.41 -11.02
CA LEU A 393 -18.96 3.46 -10.11
C LEU A 393 -18.23 2.44 -10.96
N GLN A 394 -16.94 2.26 -10.67
CA GLN A 394 -16.12 1.33 -11.42
C GLN A 394 -14.90 0.90 -10.62
N LEU A 395 -14.43 -0.31 -10.89
CA LEU A 395 -13.21 -0.82 -10.28
C LEU A 395 -12.04 -0.11 -10.94
N VAL A 396 -11.08 0.31 -10.13
CA VAL A 396 -9.91 1.06 -10.61
C VAL A 396 -8.68 0.57 -9.85
N THR A 397 -7.51 1.03 -10.25
CA THR A 397 -6.27 0.70 -9.57
C THR A 397 -5.80 1.85 -8.69
N ARG A 398 -4.69 1.62 -7.99
CA ARG A 398 -4.09 2.62 -7.10
C ARG A 398 -3.81 4.01 -7.73
N GLU A 399 -3.79 4.12 -9.05
CA GLU A 399 -3.71 5.42 -9.70
C GLU A 399 -4.71 6.42 -9.10
N ALA A 400 -5.87 5.90 -8.71
CA ALA A 400 -6.96 6.69 -8.16
C ALA A 400 -6.48 7.84 -7.28
N ILE A 401 -5.59 7.52 -6.34
CA ILE A 401 -5.16 8.52 -5.35
C ILE A 401 -4.48 9.71 -6.03
N GLY A 402 -3.60 9.42 -6.99
CA GLY A 402 -2.90 10.44 -7.75
C GLY A 402 -3.84 11.33 -8.53
N HIS A 403 -4.73 10.73 -9.32
CA HIS A 403 -5.69 11.50 -10.12
C HIS A 403 -6.52 12.47 -9.27
N MET A 404 -6.98 12.00 -8.11
CA MET A 404 -7.83 12.84 -7.28
C MET A 404 -7.07 13.98 -6.61
N LYS A 405 -5.82 13.70 -6.22
CA LYS A 405 -4.95 14.71 -5.62
C LYS A 405 -4.66 15.82 -6.63
N GLU A 406 -4.35 15.45 -7.87
CA GLU A 406 -4.14 16.42 -8.94
C GLU A 406 -5.38 17.30 -9.16
N GLY A 407 -6.56 16.69 -9.19
CA GLY A 407 -7.80 17.45 -9.34
C GLY A 407 -8.01 18.47 -8.23
N GLU A 408 -7.75 18.05 -7.00
CA GLU A 408 -7.85 18.89 -5.81
C GLU A 408 -6.95 20.12 -5.88
N GLU A 409 -5.72 19.91 -6.35
CA GLU A 409 -4.67 20.93 -6.36
C GLU A 409 -4.72 21.84 -7.57
N GLU A 410 -5.26 21.34 -8.68
CA GLU A 410 -5.10 22.02 -9.98
C GLU A 410 -6.37 22.43 -10.73
N LYS A 411 -7.46 21.72 -10.51
CA LYS A 411 -8.61 21.85 -11.39
C LYS A 411 -9.63 22.83 -10.87
N THR A 412 -10.31 23.52 -11.77
CA THR A 412 -11.33 24.49 -11.40
C THR A 412 -12.56 23.82 -10.82
N LYS A 413 -13.34 24.62 -10.10
CA LYS A 413 -14.64 24.21 -9.59
C LYS A 413 -15.63 25.30 -9.91
N THR A 414 -16.90 24.93 -9.82
CA THR A 414 -17.97 25.77 -10.25
C THR A 414 -19.07 25.71 -9.16
N TYR A 415 -19.61 26.88 -8.83
CA TYR A 415 -20.51 27.03 -7.69
C TYR A 415 -21.73 27.87 -8.00
N SER A 416 -22.81 27.67 -7.26
CA SER A 416 -23.93 28.58 -7.23
C SER A 416 -24.16 29.03 -5.80
N ALA A 417 -24.30 30.34 -5.62
CA ALA A 417 -24.52 30.90 -4.29
C ALA A 417 -25.77 31.78 -4.28
N LEU A 418 -26.63 31.58 -3.28
CA LEU A 418 -27.74 32.49 -2.99
C LEU A 418 -27.21 33.55 -2.04
N ILE A 419 -27.25 34.80 -2.49
CA ILE A 419 -26.60 35.90 -1.80
C ILE A 419 -27.63 36.93 -1.31
N TRP A 420 -27.46 37.33 -0.05
CA TRP A 420 -28.30 38.36 0.57
C TRP A 420 -27.51 39.66 0.62
N THR A 421 -28.22 40.77 0.44
CA THR A 421 -27.63 42.11 0.58
C THR A 421 -28.42 42.91 1.61
N ASN A 422 -27.71 43.69 2.43
CA ASN A 422 -28.38 44.53 3.42
C ASN A 422 -29.19 45.65 2.75
N LYS A 423 -28.62 46.25 1.72
CA LYS A 423 -29.25 47.34 1.00
C LYS A 423 -30.13 46.78 -0.12
N ALA A 424 -31.21 47.50 -0.43
CA ALA A 424 -32.10 47.12 -1.51
C ALA A 424 -31.36 47.28 -2.83
N ILE A 425 -31.35 46.21 -3.62
CA ILE A 425 -30.70 46.21 -4.92
C ILE A 425 -31.70 45.98 -6.03
N GLN A 426 -31.37 46.47 -7.22
CA GLN A 426 -32.12 46.19 -8.44
C GLN A 426 -31.28 45.33 -9.37
N LYS A 427 -31.94 44.69 -10.32
CA LYS A 427 -31.29 43.85 -11.34
C LYS A 427 -30.05 44.55 -11.87
N LYS A 428 -30.21 45.82 -12.22
CA LYS A 428 -29.15 46.61 -12.80
C LYS A 428 -27.92 46.81 -11.90
N ASP A 429 -28.07 46.65 -10.59
CA ASP A 429 -26.97 46.78 -9.61
C ASP A 429 -25.96 45.60 -9.61
N ILE A 430 -26.37 44.45 -10.11
CA ILE A 430 -25.48 43.28 -10.12
C ILE A 430 -24.97 42.96 -11.52
N GLU A 431 -25.45 43.71 -12.52
CA GLU A 431 -25.06 43.50 -13.91
C GLU A 431 -23.57 43.49 -14.18
N PHE A 432 -22.83 44.39 -13.51
CA PHE A 432 -21.39 44.55 -13.74
C PHE A 432 -20.57 43.29 -13.41
N LEU A 433 -21.11 42.44 -12.54
CA LEU A 433 -20.42 41.22 -12.14
C LEU A 433 -20.26 40.29 -13.35
N ASN A 434 -21.22 40.35 -14.27
CA ASN A 434 -21.20 39.51 -15.48
C ASN A 434 -20.03 39.81 -16.42
N ASP A 435 -19.45 41.00 -16.28
CA ASP A 435 -18.40 41.47 -17.18
C ASP A 435 -17.00 41.25 -16.61
N ILE A 436 -16.92 40.93 -15.32
CA ILE A 436 -15.63 40.71 -14.67
C ILE A 436 -15.10 39.31 -14.98
N LYS A 437 -13.93 39.27 -15.63
CA LYS A 437 -13.28 38.01 -15.99
C LYS A 437 -11.92 37.90 -15.30
N ASP A 438 -11.59 36.68 -14.87
CA ASP A 438 -10.30 36.39 -14.22
C ASP A 438 -9.93 37.38 -13.11
N LEU A 439 -10.88 37.64 -12.23
CA LEU A 439 -10.68 38.56 -11.12
C LEU A 439 -9.69 37.97 -10.12
N LYS A 440 -8.66 38.75 -9.81
CA LYS A 440 -7.65 38.35 -8.83
C LYS A 440 -8.06 38.76 -7.43
N ILE A 441 -8.21 37.78 -6.55
CA ILE A 441 -8.50 38.07 -5.15
C ILE A 441 -7.33 37.71 -4.21
N ASP A 442 -7.19 38.47 -3.13
CA ASP A 442 -6.24 38.19 -2.07
C ASP A 442 -7.03 37.65 -0.89
N GLN A 443 -6.81 36.37 -0.58
CA GLN A 443 -7.61 35.67 0.42
C GLN A 443 -6.76 35.15 1.58
N LYS A 444 -6.85 35.83 2.72
CA LYS A 444 -6.20 35.35 3.94
C LYS A 444 -6.94 34.10 4.39
N THR A 445 -6.22 33.18 5.05
CA THR A 445 -6.82 31.97 5.59
C THR A 445 -8.10 32.32 6.36
N PRO A 446 -9.25 31.77 5.95
CA PRO A 446 -10.51 32.11 6.61
C PRO A 446 -10.48 31.94 8.13
N LEU A 447 -11.13 32.87 8.83
CA LEU A 447 -11.25 32.82 10.28
C LEU A 447 -11.72 31.46 10.80
N ARG A 448 -12.69 30.87 10.08
CA ARG A 448 -13.28 29.59 10.46
C ARG A 448 -12.35 28.38 10.32
N VAL A 449 -11.19 28.56 9.68
CA VAL A 449 -10.24 27.46 9.52
C VAL A 449 -8.82 27.80 10.01
N LEU A 450 -8.70 28.87 10.78
CA LEU A 450 -7.41 29.29 11.34
C LEU A 450 -6.84 28.32 12.38
N HIS A 451 -7.71 27.49 12.94
CA HIS A 451 -7.30 26.49 13.93
C HIS A 451 -6.72 25.22 13.29
N ARG A 452 -7.03 25.00 12.02
CA ARG A 452 -6.55 23.84 11.27
C ARG A 452 -5.30 24.14 10.45
N ARG A 453 -5.33 25.23 9.68
CA ARG A 453 -4.24 25.60 8.78
C ARG A 453 -3.53 26.89 9.20
N PRO A 454 -2.24 27.04 8.81
CA PRO A 454 -1.46 28.24 9.15
C PRO A 454 -1.96 29.49 8.44
N LEU A 455 -1.68 30.65 9.03
CA LEU A 455 -2.07 31.94 8.45
C LEU A 455 -1.22 32.25 7.22
N ALA A 456 -1.89 32.46 6.09
CA ALA A 456 -1.25 32.76 4.82
C ALA A 456 -2.21 33.54 3.90
N VAL A 457 -1.64 34.31 2.99
CA VAL A 457 -2.40 35.01 1.96
C VAL A 457 -2.23 34.24 0.65
N ARG A 458 -3.33 33.68 0.14
CA ARG A 458 -3.31 33.03 -1.16
C ARG A 458 -3.88 33.95 -2.24
N ALA A 459 -3.26 33.93 -3.41
CA ALA A 459 -3.82 34.59 -4.58
C ALA A 459 -4.73 33.60 -5.30
N ARG A 460 -5.98 33.98 -5.49
CA ARG A 460 -6.95 33.14 -6.17
C ARG A 460 -7.62 33.90 -7.31
N VAL A 461 -8.21 33.16 -8.26
CA VAL A 461 -8.82 33.77 -9.44
C VAL A 461 -10.27 33.34 -9.55
N ILE A 462 -11.17 34.31 -9.70
CA ILE A 462 -12.56 34.04 -10.03
C ILE A 462 -12.64 34.20 -11.55
N HIS A 463 -12.78 33.08 -12.24
CA HIS A 463 -12.72 33.11 -13.71
C HIS A 463 -13.88 33.86 -14.36
N PHE A 464 -15.10 33.55 -13.94
CA PHE A 464 -16.25 34.32 -14.38
C PHE A 464 -17.33 34.24 -13.35
N MET A 465 -18.30 35.14 -13.47
CA MET A 465 -19.48 35.20 -12.63
C MET A 465 -20.66 35.44 -13.53
N GLU A 466 -21.78 34.80 -13.20
CA GLU A 466 -23.07 35.03 -13.86
C GLU A 466 -24.14 35.23 -12.82
N THR A 467 -24.94 36.29 -12.99
CA THR A 467 -25.90 36.66 -11.96
C THR A 467 -27.32 36.33 -12.38
N GLN A 468 -28.15 35.99 -11.41
CA GLN A 468 -29.59 35.96 -11.61
C GLN A 468 -30.24 36.72 -10.45
N TYR A 469 -30.85 37.85 -10.77
CA TYR A 469 -31.54 38.68 -9.79
C TYR A 469 -32.75 37.94 -9.25
N VAL A 470 -32.97 38.03 -7.94
CA VAL A 470 -34.12 37.39 -7.29
C VAL A 470 -35.11 38.44 -6.77
N ASP A 471 -34.67 39.25 -5.80
CA ASP A 471 -35.51 40.31 -5.27
C ASP A 471 -34.63 41.41 -4.69
N GLU A 472 -35.25 42.37 -4.00
CA GLU A 472 -34.53 43.56 -3.55
C GLU A 472 -33.40 43.28 -2.55
N HIS A 473 -33.33 42.07 -2.01
CA HIS A 473 -32.30 41.72 -1.04
C HIS A 473 -31.68 40.34 -1.34
N HIS A 474 -31.90 39.81 -2.54
CA HIS A 474 -31.32 38.52 -2.93
C HIS A 474 -30.94 38.46 -4.40
N PHE A 475 -29.85 37.77 -4.68
CA PHE A 475 -29.52 37.35 -6.04
C PHE A 475 -28.73 36.07 -6.02
N ARG A 476 -28.74 35.36 -7.14
CA ARG A 476 -27.94 34.17 -7.28
C ARG A 476 -26.72 34.47 -8.09
N LEU A 477 -25.60 33.89 -7.66
CA LEU A 477 -24.34 34.06 -8.33
C LEU A 477 -23.79 32.69 -8.74
N HIS A 478 -23.55 32.54 -10.05
CA HIS A 478 -22.87 31.34 -10.55
C HIS A 478 -21.42 31.72 -10.85
N LEU A 479 -20.48 30.94 -10.33
CA LEU A 479 -19.08 31.29 -10.51
C LEU A 479 -18.16 30.10 -10.72
N LYS A 480 -17.10 30.34 -11.49
CA LYS A 480 -16.07 29.36 -11.71
C LYS A 480 -14.77 29.91 -11.09
N THR A 481 -14.11 29.08 -10.29
CA THR A 481 -12.96 29.54 -9.51
C THR A 481 -11.79 28.57 -9.59
N GLN A 482 -10.60 29.11 -9.37
CA GLN A 482 -9.38 28.35 -9.21
C GLN A 482 -9.52 27.38 -8.03
N ALA A 483 -8.84 26.24 -8.11
CA ALA A 483 -8.83 25.26 -7.02
C ALA A 483 -8.50 25.96 -5.71
N GLY A 484 -9.11 25.51 -4.61
CA GLY A 484 -8.79 26.03 -3.29
C GLY A 484 -9.41 27.36 -2.87
N THR A 485 -10.19 27.98 -3.75
CA THR A 485 -10.85 29.26 -3.42
C THR A 485 -11.98 29.06 -2.42
N TYR A 486 -11.96 29.87 -1.35
CA TYR A 486 -13.05 29.87 -0.38
C TYR A 486 -14.17 30.79 -0.84
N ILE A 487 -15.30 30.20 -1.17
CA ILE A 487 -16.39 30.93 -1.79
C ILE A 487 -17.14 31.80 -0.78
N LYS A 488 -17.45 31.23 0.39
CA LYS A 488 -18.21 31.98 1.39
C LYS A 488 -17.51 33.29 1.77
N GLU A 489 -16.19 33.23 1.90
CA GLU A 489 -15.39 34.38 2.28
C GLU A 489 -15.32 35.40 1.13
N PHE A 490 -15.37 34.92 -0.09
CA PHE A 490 -15.40 35.84 -1.25
C PHE A 490 -16.70 36.64 -1.29
N VAL A 491 -17.81 36.02 -0.91
CA VAL A 491 -19.08 36.74 -0.85
C VAL A 491 -19.11 37.78 0.29
N HIS A 492 -18.93 37.32 1.52
CA HIS A 492 -19.10 38.23 2.67
C HIS A 492 -17.84 39.02 3.05
N GLY A 493 -16.70 38.62 2.51
CA GLY A 493 -15.45 39.36 2.72
C GLY A 493 -14.60 38.99 3.92
N ASP A 494 -15.18 38.24 4.87
CA ASP A 494 -14.47 37.75 6.06
C ASP A 494 -13.88 38.91 6.88
N PHE A 495 -14.66 39.98 7.05
CA PHE A 495 -14.20 41.23 7.68
C PHE A 495 -13.00 41.86 6.96
N GLY A 496 -13.04 41.82 5.63
CA GLY A 496 -11.98 42.42 4.81
C GLY A 496 -10.74 41.57 4.67
N ARG A 497 -10.81 40.31 5.09
CA ARG A 497 -9.67 39.43 4.99
C ARG A 497 -9.63 38.72 3.64
N THR A 498 -10.75 38.79 2.91
CA THR A 498 -10.74 38.45 1.49
C THR A 498 -11.00 39.72 0.70
N LYS A 499 -10.00 40.14 -0.07
CA LYS A 499 -10.12 41.33 -0.90
C LYS A 499 -9.99 41.00 -2.37
N PRO A 500 -10.60 41.84 -3.21
CA PRO A 500 -12.01 41.97 -3.51
C PRO A 500 -12.95 40.90 -2.96
N ASN A 501 -14.17 41.33 -2.65
CA ASN A 501 -15.26 40.44 -2.30
C ASN A 501 -16.56 41.06 -2.83
N ILE A 502 -17.63 40.27 -2.82
CA ILE A 502 -18.90 40.74 -3.40
C ILE A 502 -19.39 42.02 -2.72
N GLY A 503 -19.27 42.08 -1.40
CA GLY A 503 -19.68 43.27 -0.65
C GLY A 503 -18.96 44.54 -1.07
N SER A 504 -17.63 44.47 -1.14
CA SER A 504 -16.82 45.61 -1.52
C SER A 504 -17.08 46.05 -2.97
N LEU A 505 -17.18 45.07 -3.87
CA LEU A 505 -17.45 45.33 -5.29
C LEU A 505 -18.80 46.01 -5.47
N MET A 506 -19.78 45.62 -4.64
CA MET A 506 -21.14 46.15 -4.78
C MET A 506 -21.44 47.35 -3.87
N ASN A 507 -20.54 47.64 -2.93
CA ASN A 507 -20.79 48.63 -1.87
C ASN A 507 -22.03 48.29 -1.00
N VAL A 508 -22.15 47.02 -0.65
CA VAL A 508 -23.18 46.56 0.29
C VAL A 508 -22.51 45.68 1.34
N THR A 509 -23.24 45.29 2.38
CA THR A 509 -22.80 44.10 3.12
C THR A 509 -23.56 42.91 2.55
N ALA A 510 -22.80 41.93 2.06
CA ALA A 510 -23.34 40.71 1.48
C ALA A 510 -23.10 39.52 2.39
N ASP A 511 -24.05 38.58 2.38
CA ASP A 511 -23.81 37.29 3.04
C ASP A 511 -24.32 36.18 2.16
N ILE A 512 -23.77 34.99 2.36
CA ILE A 512 -24.14 33.84 1.56
C ILE A 512 -25.13 33.01 2.36
N LEU A 513 -26.30 32.76 1.79
CA LEU A 513 -27.35 31.98 2.44
C LEU A 513 -27.27 30.49 2.12
N GLU A 514 -26.98 30.19 0.85
CA GLU A 514 -26.87 28.79 0.38
C GLU A 514 -25.73 28.71 -0.62
N LEU A 515 -24.96 27.62 -0.54
CA LEU A 515 -23.87 27.34 -1.48
C LEU A 515 -24.02 25.93 -2.06
N ASP A 516 -23.83 25.80 -3.38
CA ASP A 516 -23.86 24.49 -4.06
C ASP A 516 -22.65 24.39 -4.92
N VAL A 517 -21.99 23.23 -4.90
CA VAL A 517 -20.93 22.92 -5.87
C VAL A 517 -21.65 22.44 -7.13
N GLU A 518 -21.42 23.13 -8.25
CA GLU A 518 -22.13 22.79 -9.50
C GLU A 518 -21.30 21.84 -10.36
N SER A 519 -19.98 21.90 -10.19
CA SER A 519 -19.09 21.02 -10.93
C SER A 519 -17.71 20.97 -10.30
N VAL A 520 -17.07 19.82 -10.40
CA VAL A 520 -15.70 19.64 -9.96
C VAL A 520 -15.03 19.21 -11.27
N ASP A 521 -14.16 20.06 -11.79
CA ASP A 521 -13.71 19.93 -13.17
C ASP A 521 -12.53 18.97 -13.31
N VAL A 522 -12.77 17.74 -12.86
CA VAL A 522 -11.76 16.69 -12.79
C VAL A 522 -12.32 15.57 -13.65
N ASP A 523 -11.59 15.23 -14.72
CA ASP A 523 -12.05 14.25 -15.70
C ASP A 523 -12.02 12.82 -15.19
N TRP A 524 -11.31 12.60 -14.10
CA TRP A 524 -11.16 11.25 -13.61
C TRP A 524 -11.98 10.84 -12.39
N PRO A 525 -12.89 9.86 -12.59
CA PRO A 525 -12.75 8.53 -13.18
C PRO A 525 -13.55 8.70 -14.50
N PRO A 526 -13.29 7.91 -15.54
CA PRO A 526 -14.06 8.15 -16.78
C PRO A 526 -15.58 8.06 -16.61
N ALA A 527 -16.32 8.98 -17.20
CA ALA A 527 -17.77 8.96 -17.13
C ALA A 527 -18.32 7.72 -17.82
N LEU A 528 -19.36 7.12 -17.24
CA LEU A 528 -19.92 5.88 -17.77
C LEU A 528 -21.23 6.12 -18.54
N ASP A 529 -21.48 5.27 -19.54
CA ASP A 529 -22.69 5.35 -20.37
C ASP A 529 -23.92 4.81 -19.66
CL CL B . -16.25 28.25 0.98
CL CL C . -12.52 21.14 -3.70
CL CL D . -32.47 9.63 3.08
CL CL E . 10.60 -12.73 0.60
ZN ZN F . 21.22 -26.70 4.48
N1 EPE G . -12.11 24.35 0.02
C2 EPE G . -12.55 25.67 -0.45
C3 EPE G . -14.03 25.93 -0.15
N4 EPE G . -14.90 24.84 -0.52
C5 EPE G . -14.26 23.65 -1.09
C6 EPE G . -13.00 23.23 -0.34
C7 EPE G . -16.27 25.17 -0.91
C8 EPE G . -17.27 24.06 -0.63
O8 EPE G . -17.35 23.84 0.76
C9 EPE G . -10.75 24.07 -0.49
C10 EPE G . -9.71 24.45 0.55
S EPE G . -8.04 23.83 0.23
O1S EPE G . -7.24 24.93 -0.31
O2S EPE G . -8.03 22.72 -0.73
O3S EPE G . -7.48 23.41 1.51
N1 EPE H . -30.83 37.70 6.66
C2 EPE H . -30.71 38.01 8.09
C3 EPE H . -29.42 38.78 8.39
N4 EPE H . -28.26 38.06 7.87
C5 EPE H . -28.49 36.96 6.96
C6 EPE H . -29.55 37.40 5.97
C7 EPE H . -27.00 38.76 7.76
C8 EPE H . -26.06 38.43 8.90
O8 EPE H . -25.99 39.57 9.73
C9 EPE H . -31.69 36.53 6.44
C10 EPE H . -31.56 36.17 4.97
S EPE H . -33.18 36.02 4.22
O1S EPE H . -33.07 35.74 2.80
O2S EPE H . -33.96 37.24 4.44
O3S EPE H . -33.84 34.88 4.86
C1 GOL I . 30.78 -28.85 13.27
O1 GOL I . 29.55 -28.52 12.68
C2 GOL I . 30.64 -28.87 14.79
O2 GOL I . 29.66 -29.78 15.21
C3 GOL I . 31.99 -29.24 15.39
O3 GOL I . 31.83 -29.51 16.77
#